data_5CP0
#
_entry.id   5CP0
#
_cell.length_a   58.736
_cell.length_b   58.736
_cell.length_c   265.360
_cell.angle_alpha   90.00
_cell.angle_beta   90.00
_cell.angle_gamma   120.00
#
_symmetry.space_group_name_H-M   'P 61 2 2'
#
loop_
_entity.id
_entity.type
_entity.pdbx_description
1 polymer 'Peptide deformylase'
2 polymer MET-ALA-SER
3 non-polymer 'CADMIUM ION'
4 non-polymer 'ACETATE ION'
5 non-polymer 'SODIUM ION'
6 water water
#
loop_
_entity_poly.entity_id
_entity_poly.type
_entity_poly.pdbx_seq_one_letter_code
_entity_poly.pdbx_strand_id
1 'polypeptide(L)'
;MIRDIIRMGDKRLLRVAPQVTNLGSAELHALVSDMFETMGAAHGVGLAAPQIAVDLQLMVFGFEASERYPEAPAVPLTAL
ANAQIEPLSDEMENGWEGCLSIPGLRAVIPRYRYIRYRGFAPDGSPIEREAEGFHARVVQHEYDHLVGRLYPSRIENFDT
FGFDDVLSYDL
;
A
2 'polypeptide(L)' MAS C
#
loop_
_chem_comp.id
_chem_comp.type
_chem_comp.name
_chem_comp.formula
ACT non-polymer 'ACETATE ION' 'C2 H3 O2 -1'
CD non-polymer 'CADMIUM ION' 'Cd 2'
NA non-polymer 'SODIUM ION' 'Na 1'
#
# COMPACT_ATOMS: atom_id res chain seq x y z
N MET A 1 -11.14 13.75 8.00
CA MET A 1 -12.22 12.83 8.40
C MET A 1 -11.77 11.36 8.17
N ILE A 2 -11.99 10.47 9.13
CA ILE A 2 -11.60 9.06 9.05
C ILE A 2 -12.60 8.50 8.02
N ARG A 3 -12.17 7.78 6.99
CA ARG A 3 -13.11 7.13 6.03
C ARG A 3 -13.21 5.63 6.32
N ASP A 4 -14.37 5.04 6.07
CA ASP A 4 -14.50 3.57 6.10
C ASP A 4 -13.54 2.88 5.07
N ILE A 5 -12.86 1.83 5.51
CA ILE A 5 -12.00 0.98 4.68
C ILE A 5 -12.86 -0.17 4.21
N ILE A 6 -12.95 -0.41 2.89
CA ILE A 6 -13.83 -1.47 2.43
C ILE A 6 -13.01 -2.81 2.48
N ARG A 7 -13.71 -3.91 2.70
CA ARG A 7 -13.05 -5.19 2.99
C ARG A 7 -12.96 -6.06 1.75
N MET A 8 -11.95 -6.89 1.70
CA MET A 8 -11.80 -7.86 0.57
C MET A 8 -13.09 -8.56 0.29
N GLY A 9 -13.42 -8.73 -1.01
CA GLY A 9 -14.74 -9.09 -1.41
C GLY A 9 -15.53 -7.94 -2.01
N ASP A 10 -15.19 -6.71 -1.59
CA ASP A 10 -15.89 -5.55 -2.26
C ASP A 10 -15.39 -5.42 -3.70
N LYS A 11 -16.28 -5.45 -4.67
CA LYS A 11 -15.78 -5.37 -6.06
C LYS A 11 -15.01 -4.08 -6.39
N ARG A 12 -15.24 -3.03 -5.61
CA ARG A 12 -14.54 -1.78 -5.84
C ARG A 12 -13.06 -1.93 -5.65
N LEU A 13 -12.63 -2.98 -4.96
CA LEU A 13 -11.14 -3.21 -4.75
C LEU A 13 -10.54 -3.87 -5.96
N LEU A 14 -11.40 -4.32 -6.89
CA LEU A 14 -10.94 -5.09 -8.06
C LEU A 14 -10.79 -4.25 -9.36
N ARG A 15 -11.08 -2.94 -9.27
CA ARG A 15 -11.02 -2.01 -10.41
C ARG A 15 -9.63 -1.63 -10.77
N VAL A 16 -9.38 -1.27 -12.03
CA VAL A 16 -8.13 -0.60 -12.38
C VAL A 16 -8.37 0.95 -12.24
N ALA A 17 -7.72 1.62 -11.28
CA ALA A 17 -8.05 3.06 -10.98
C ALA A 17 -7.51 3.98 -12.10
N PRO A 18 -8.23 5.07 -12.42
CA PRO A 18 -7.65 6.03 -13.37
C PRO A 18 -6.70 6.97 -12.65
N GLN A 19 -6.02 7.83 -13.40
CA GLN A 19 -4.96 8.69 -12.84
C GLN A 19 -5.58 9.82 -12.07
N VAL A 20 -4.81 10.39 -11.16
CA VAL A 20 -5.17 11.61 -10.50
C VAL A 20 -4.89 12.76 -11.52
N THR A 21 -5.82 13.68 -11.67
CA THR A 21 -5.65 14.77 -12.61
C THR A 21 -5.90 16.13 -11.91
N ASN A 22 -5.95 16.16 -10.58
CA ASN A 22 -6.13 17.41 -9.82
C ASN A 22 -5.00 17.64 -8.84
N LEU A 23 -3.79 17.36 -9.26
CA LEU A 23 -2.62 17.78 -8.47
C LEU A 23 -2.65 19.24 -8.11
N GLY A 24 -2.28 19.57 -6.83
CA GLY A 24 -2.15 21.01 -6.39
C GLY A 24 -3.54 21.49 -5.95
N SER A 25 -4.57 20.65 -6.08
CA SER A 25 -5.92 21.13 -5.80
C SER A 25 -6.27 21.05 -4.28
N ALA A 26 -7.28 21.84 -3.81
CA ALA A 26 -7.77 21.72 -2.43
C ALA A 26 -8.44 20.36 -2.26
N GLU A 27 -9.23 19.89 -3.25
CA GLU A 27 -9.91 18.64 -3.19
C GLU A 27 -8.89 17.48 -2.97
N LEU A 28 -7.80 17.45 -3.73
CA LEU A 28 -6.85 16.34 -3.58
C LEU A 28 -6.18 16.46 -2.18
N HIS A 29 -5.80 17.69 -1.76
CA HIS A 29 -5.23 17.86 -0.42
C HIS A 29 -6.18 17.31 0.70
N ALA A 30 -7.48 17.55 0.59
CA ALA A 30 -8.43 17.08 1.60
C ALA A 30 -8.48 15.55 1.57
N LEU A 31 -8.51 14.94 0.36
CA LEU A 31 -8.50 13.50 0.22
C LEU A 31 -7.25 12.87 0.86
N VAL A 32 -6.09 13.42 0.53
CA VAL A 32 -4.82 12.92 1.08
C VAL A 32 -4.89 12.98 2.65
N SER A 33 -5.27 14.14 3.19
CA SER A 33 -5.42 14.33 4.65
C SER A 33 -6.32 13.22 5.26
N ASP A 34 -7.51 13.00 4.67
CA ASP A 34 -8.39 11.89 5.08
C ASP A 34 -7.66 10.55 5.04
N MET A 35 -6.87 10.34 4.00
CA MET A 35 -6.15 9.06 3.84
C MET A 35 -5.10 8.91 4.94
N PHE A 36 -4.30 9.93 5.21
CA PHE A 36 -3.35 9.77 6.29
C PHE A 36 -4.10 9.52 7.65
N GLU A 37 -5.19 10.24 7.86
CA GLU A 37 -5.96 10.09 9.09
C GLU A 37 -6.54 8.69 9.28
N THR A 38 -7.15 8.18 8.21
CA THR A 38 -7.69 6.85 8.08
C THR A 38 -6.62 5.79 8.26
N MET A 39 -5.46 5.91 7.61
CA MET A 39 -4.39 4.95 7.72
C MET A 39 -3.92 4.92 9.20
N GLY A 40 -3.79 6.13 9.79
CA GLY A 40 -3.40 6.26 11.23
C GLY A 40 -4.39 5.60 12.22
N ALA A 41 -5.64 5.84 12.03
CA ALA A 41 -6.61 5.26 12.92
C ALA A 41 -6.60 3.72 12.81
N ALA A 42 -6.22 3.18 11.66
CA ALA A 42 -6.23 1.72 11.47
C ALA A 42 -4.88 1.13 11.78
N HIS A 43 -3.88 1.97 12.10
CA HIS A 43 -2.53 1.54 12.33
C HIS A 43 -1.93 0.85 11.05
N GLY A 44 -2.24 1.42 9.89
CA GLY A 44 -1.56 0.90 8.66
C GLY A 44 -0.21 1.46 8.47
N VAL A 45 0.57 0.80 7.60
CA VAL A 45 1.79 1.39 7.10
C VAL A 45 1.64 1.91 5.66
N GLY A 46 0.56 1.51 4.97
CA GLY A 46 0.23 2.04 3.64
C GLY A 46 -1.28 2.03 3.52
N LEU A 47 -1.83 2.87 2.67
CA LEU A 47 -3.26 2.79 2.41
C LEU A 47 -3.51 3.26 0.95
N ALA A 48 -4.32 2.56 0.17
CA ALA A 48 -4.47 2.96 -1.21
C ALA A 48 -5.85 3.54 -1.36
N ALA A 49 -6.07 4.51 -2.25
CA ALA A 49 -7.44 5.21 -2.33
C ALA A 49 -8.55 4.25 -2.59
N PRO A 50 -8.33 3.19 -3.41
CA PRO A 50 -9.49 2.28 -3.63
C PRO A 50 -10.01 1.61 -2.38
N GLN A 51 -9.16 1.48 -1.35
CA GLN A 51 -9.62 0.87 -0.05
C GLN A 51 -10.56 1.77 0.70
N ILE A 52 -10.62 3.06 0.31
CA ILE A 52 -11.64 3.90 0.88
C ILE A 52 -12.70 4.23 -0.21
N ALA A 53 -12.83 3.32 -1.17
CA ALA A 53 -13.77 3.41 -2.30
C ALA A 53 -13.52 4.72 -3.14
N VAL A 54 -12.30 5.18 -3.23
CA VAL A 54 -11.99 6.32 -4.08
C VAL A 54 -11.20 5.77 -5.24
N ASP A 55 -11.78 5.85 -6.44
CA ASP A 55 -11.16 5.17 -7.61
C ASP A 55 -10.10 6.09 -8.24
N LEU A 56 -8.92 6.13 -7.62
CA LEU A 56 -7.85 6.98 -8.12
C LEU A 56 -6.52 6.33 -7.84
N GLN A 57 -5.55 6.62 -8.68
CA GLN A 57 -4.15 6.17 -8.48
C GLN A 57 -3.47 7.00 -7.41
N LEU A 58 -3.72 6.63 -6.13
CA LEU A 58 -3.20 7.46 -5.06
C LEU A 58 -3.00 6.52 -3.83
N MET A 59 -1.88 6.70 -3.16
CA MET A 59 -1.60 5.94 -1.93
C MET A 59 -0.91 6.86 -0.95
N VAL A 60 -1.02 6.49 0.33
CA VAL A 60 -0.19 7.09 1.34
C VAL A 60 0.52 5.96 2.04
N PHE A 61 1.68 6.30 2.60
CA PHE A 61 2.40 5.30 3.37
C PHE A 61 3.50 5.95 4.23
N GLY A 62 4.05 5.15 5.14
CA GLY A 62 5.28 5.46 5.85
C GLY A 62 5.04 5.42 7.37
N PHE A 63 6.10 5.53 8.17
CA PHE A 63 5.84 5.65 9.66
C PHE A 63 7.19 5.68 10.35
N GLU A 64 7.23 6.18 11.59
CA GLU A 64 8.46 6.05 12.39
C GLU A 64 8.45 4.68 13.05
N ALA A 65 7.50 4.54 14.02
CA ALA A 65 7.07 3.30 14.76
C ALA A 65 5.71 2.76 14.26
N SER A 66 5.56 1.43 14.23
CA SER A 66 4.36 0.74 13.65
C SER A 66 3.35 0.24 14.72
N PRO A 70 7.32 -4.12 14.03
CA PRO A 70 8.56 -4.89 13.68
C PRO A 70 9.66 -4.05 12.98
N GLU A 71 9.26 -3.07 12.19
CA GLU A 71 10.14 -2.65 11.09
C GLU A 71 10.76 -1.21 11.02
N ALA A 72 11.76 -1.06 10.12
CA ALA A 72 12.72 0.08 10.01
C ALA A 72 13.69 -0.16 8.80
N PRO A 73 14.55 0.84 8.39
CA PRO A 73 14.54 2.30 8.72
C PRO A 73 13.18 3.00 8.38
N ALA A 74 12.20 2.98 9.29
CA ALA A 74 10.98 3.77 9.16
C ALA A 74 10.89 4.47 7.78
N VAL A 75 9.84 4.25 7.00
CA VAL A 75 9.66 5.01 5.72
C VAL A 75 9.05 6.40 5.96
N PRO A 76 9.59 7.43 5.31
CA PRO A 76 9.05 8.79 5.28
C PRO A 76 7.56 8.75 4.88
N LEU A 77 6.74 9.50 5.62
CA LEU A 77 5.35 9.66 5.29
C LEU A 77 5.24 10.25 3.89
N THR A 78 4.53 9.58 3.00
CA THR A 78 4.56 9.97 1.60
C THR A 78 3.18 9.85 1.07
N ALA A 79 2.75 10.82 0.26
CA ALA A 79 1.51 10.64 -0.54
C ALA A 79 1.97 10.64 -1.96
N LEU A 80 1.55 9.66 -2.74
CA LEU A 80 2.12 9.44 -4.06
C LEU A 80 0.96 9.21 -5.00
N ALA A 81 0.85 10.10 -6.01
CA ALA A 81 -0.14 9.94 -7.07
C ALA A 81 0.49 9.37 -8.34
N ASN A 82 -0.30 8.59 -9.09
CA ASN A 82 0.12 8.11 -10.42
C ASN A 82 1.44 7.34 -10.37
N ALA A 83 1.53 6.49 -9.34
CA ALA A 83 2.75 5.72 -9.12
C ALA A 83 3.07 4.75 -10.30
N GLN A 84 4.35 4.67 -10.65
CA GLN A 84 4.82 3.64 -11.60
C GLN A 84 5.99 2.99 -10.94
N ILE A 85 6.10 1.66 -11.07
CA ILE A 85 7.17 0.96 -10.38
C ILE A 85 7.97 0.15 -11.40
N GLU A 86 9.26 0.01 -11.13
CA GLU A 86 10.02 -1.00 -11.84
C GLU A 86 11.05 -1.58 -10.98
N PRO A 87 11.30 -2.87 -11.23
CA PRO A 87 12.25 -3.56 -10.41
C PRO A 87 13.63 -3.05 -10.83
N LEU A 88 14.52 -2.96 -9.87
CA LEU A 88 15.96 -2.68 -10.11
C LEU A 88 16.83 -3.94 -10.07
N SER A 89 16.23 -5.09 -9.71
CA SER A 89 16.89 -6.43 -9.98
C SER A 89 15.76 -7.45 -9.93
N ASP A 90 16.05 -8.70 -10.29
CA ASP A 90 15.03 -9.74 -10.37
C ASP A 90 15.01 -10.41 -9.02
N GLU A 91 15.85 -9.97 -8.08
CA GLU A 91 15.91 -10.61 -6.76
C GLU A 91 14.56 -10.45 -5.97
N MET A 92 13.94 -11.57 -5.52
CA MET A 92 12.70 -11.58 -4.73
C MET A 92 13.01 -11.81 -3.27
N GLU A 93 12.17 -11.29 -2.38
CA GLU A 93 12.33 -11.56 -0.97
C GLU A 93 10.95 -11.85 -0.37
N ASN A 94 10.85 -12.88 0.46
CA ASN A 94 9.60 -13.18 1.19
C ASN A 94 9.45 -12.36 2.43
N GLY A 95 8.25 -11.94 2.81
CA GLY A 95 8.10 -11.22 4.01
C GLY A 95 6.58 -11.18 4.32
N TRP A 96 6.24 -10.86 5.55
CA TRP A 96 4.84 -10.89 6.00
C TRP A 96 4.07 -9.68 5.43
N GLU A 97 2.84 -9.90 4.94
CA GLU A 97 1.93 -8.78 4.62
C GLU A 97 0.57 -9.09 5.17
N GLY A 98 -0.12 -8.06 5.68
CA GLY A 98 -1.51 -8.18 6.12
C GLY A 98 -2.22 -6.95 5.50
N CYS A 99 -3.53 -6.86 5.56
CA CYS A 99 -4.21 -5.80 4.74
C CYS A 99 -5.27 -5.21 5.65
N LEU A 100 -5.47 -3.90 5.65
CA LEU A 100 -6.63 -3.38 6.40
C LEU A 100 -7.97 -3.73 5.68
N SER A 101 -7.95 -4.00 4.39
CA SER A 101 -9.15 -4.55 3.79
C SER A 101 -9.30 -6.12 4.11
N ILE A 102 -8.28 -6.72 4.71
CA ILE A 102 -8.34 -8.13 5.00
C ILE A 102 -8.01 -8.15 6.45
N PRO A 103 -9.00 -7.87 7.39
CA PRO A 103 -8.55 -7.76 8.77
C PRO A 103 -8.44 -9.09 9.52
N GLY A 104 -7.37 -9.14 10.31
CA GLY A 104 -7.02 -10.28 11.06
C GLY A 104 -6.15 -11.27 10.32
N LEU A 105 -5.88 -11.10 9.01
CA LEU A 105 -5.10 -12.12 8.26
C LEU A 105 -3.71 -11.68 7.85
N ARG A 106 -2.84 -12.62 7.57
CA ARG A 106 -1.54 -12.29 6.94
C ARG A 106 -1.02 -13.53 6.21
N ALA A 107 -0.05 -13.33 5.30
CA ALA A 107 0.65 -14.43 4.62
C ALA A 107 2.05 -13.95 4.30
N VAL A 108 2.93 -14.89 3.96
CA VAL A 108 4.23 -14.53 3.44
C VAL A 108 4.08 -14.37 1.91
N ILE A 109 4.58 -13.24 1.35
CA ILE A 109 4.41 -12.86 -0.04
C ILE A 109 5.79 -12.55 -0.66
N PRO A 110 6.10 -13.05 -1.86
CA PRO A 110 7.37 -12.62 -2.38
C PRO A 110 7.21 -11.27 -3.05
N ARG A 111 8.19 -10.39 -2.88
CA ARG A 111 8.15 -9.10 -3.59
C ARG A 111 9.54 -8.85 -4.14
N TYR A 112 9.66 -7.94 -5.11
CA TYR A 112 11.01 -7.49 -5.48
C TYR A 112 11.68 -6.82 -4.31
N ARG A 113 12.93 -7.17 -4.06
CA ARG A 113 13.66 -6.58 -2.95
C ARG A 113 14.03 -5.09 -3.24
N TYR A 114 14.25 -4.76 -4.51
CA TYR A 114 14.72 -3.44 -4.97
C TYR A 114 13.87 -2.92 -6.07
N ILE A 115 13.30 -1.70 -5.85
CA ILE A 115 12.56 -1.04 -6.90
C ILE A 115 12.90 0.45 -7.04
N ARG A 116 12.48 1.00 -8.17
CA ARG A 116 12.30 2.46 -8.27
C ARG A 116 10.83 2.72 -8.36
N TYR A 117 10.33 3.75 -7.61
CA TYR A 117 8.97 4.25 -7.93
C TYR A 117 8.99 5.73 -8.28
N ARG A 118 8.06 6.13 -9.19
CA ARG A 118 7.92 7.51 -9.68
C ARG A 118 6.44 7.85 -9.60
N GLY A 119 6.16 9.14 -9.34
CA GLY A 119 4.80 9.68 -9.45
C GLY A 119 4.95 11.15 -9.02
N PHE A 120 3.88 11.66 -8.39
CA PHE A 120 3.80 13.03 -7.94
C PHE A 120 3.30 13.16 -6.54
N ALA A 121 3.86 14.10 -5.81
CA ALA A 121 3.34 14.50 -4.53
C ALA A 121 2.04 15.24 -4.76
N PRO A 122 1.22 15.36 -3.73
CA PRO A 122 -0.08 16.00 -3.98
C PRO A 122 0.03 17.50 -4.49
N ASP A 123 1.12 18.17 -4.20
CA ASP A 123 1.30 19.54 -4.75
C ASP A 123 1.76 19.56 -6.18
N GLY A 124 1.88 18.39 -6.83
CA GLY A 124 2.31 18.29 -8.22
C GLY A 124 3.81 18.17 -8.40
N SER A 125 4.63 18.26 -7.33
CA SER A 125 6.06 18.10 -7.60
C SER A 125 6.34 16.60 -7.83
N PRO A 126 7.32 16.31 -8.71
CA PRO A 126 7.59 14.88 -8.99
C PRO A 126 8.27 14.18 -7.82
N ILE A 127 8.06 12.86 -7.70
CA ILE A 127 8.76 12.09 -6.68
C ILE A 127 9.39 10.92 -7.52
N GLU A 128 10.66 10.62 -7.26
CA GLU A 128 11.28 9.40 -7.80
C GLU A 128 12.28 8.98 -6.83
N ARG A 129 12.17 7.70 -6.41
CA ARG A 129 12.99 7.17 -5.37
C ARG A 129 13.33 5.72 -5.64
N GLU A 130 14.52 5.30 -5.24
CA GLU A 130 14.82 3.88 -5.19
C GLU A 130 14.44 3.44 -3.77
N ALA A 131 13.98 2.19 -3.61
CA ALA A 131 13.63 1.70 -2.27
C ALA A 131 13.96 0.21 -2.25
N GLU A 132 14.18 -0.26 -1.05
CA GLU A 132 14.51 -1.70 -0.89
C GLU A 132 13.76 -2.26 0.28
N GLY A 133 13.66 -3.60 0.35
CA GLY A 133 13.15 -4.24 1.57
C GLY A 133 11.70 -3.80 1.91
N PHE A 134 11.49 -3.48 3.20
CA PHE A 134 10.11 -3.24 3.69
C PHE A 134 9.46 -2.03 2.98
N HIS A 135 10.27 -1.00 2.77
CA HIS A 135 9.85 0.24 2.06
C HIS A 135 9.32 -0.13 0.68
N ALA A 136 10.11 -0.89 -0.05
CA ALA A 136 9.74 -1.31 -1.39
C ALA A 136 8.54 -2.23 -1.36
N ARG A 137 8.42 -3.06 -0.32
CA ARG A 137 7.27 -4.03 -0.23
C ARG A 137 5.96 -3.28 -0.05
N VAL A 138 5.97 -2.31 0.87
CA VAL A 138 4.82 -1.47 1.11
C VAL A 138 4.33 -0.83 -0.20
N VAL A 139 5.23 -0.21 -0.91
CA VAL A 139 4.84 0.43 -2.17
C VAL A 139 4.30 -0.59 -3.22
N GLN A 140 4.92 -1.75 -3.33
CA GLN A 140 4.35 -2.78 -4.24
C GLN A 140 2.93 -3.21 -3.80
N HIS A 141 2.72 -3.37 -2.50
CA HIS A 141 1.39 -3.80 -1.96
C HIS A 141 0.33 -2.74 -2.33
N GLU A 142 0.66 -1.46 -2.08
CA GLU A 142 -0.33 -0.41 -2.38
C GLU A 142 -0.53 -0.30 -3.89
N TYR A 143 0.55 -0.35 -4.64
CA TYR A 143 0.47 -0.28 -6.13
C TYR A 143 -0.48 -1.38 -6.64
N ASP A 144 -0.33 -2.63 -6.17
CA ASP A 144 -1.32 -3.67 -6.55
C ASP A 144 -2.74 -3.25 -6.28
N HIS A 145 -3.04 -2.57 -5.17
CA HIS A 145 -4.46 -2.09 -5.02
C HIS A 145 -4.96 -1.21 -6.21
N LEU A 146 -4.05 -0.50 -6.83
CA LEU A 146 -4.47 0.52 -7.83
C LEU A 146 -4.74 -0.21 -9.16
N VAL A 147 -4.31 -1.49 -9.26
CA VAL A 147 -4.61 -2.31 -10.46
C VAL A 147 -5.59 -3.46 -10.10
N GLY A 148 -6.24 -3.38 -8.95
CA GLY A 148 -7.36 -4.27 -8.64
C GLY A 148 -6.87 -5.65 -8.16
N ARG A 149 -5.67 -5.67 -7.56
CA ARG A 149 -5.01 -6.92 -7.16
C ARG A 149 -4.75 -6.92 -5.59
N LEU A 150 -5.03 -8.05 -4.91
CA LEU A 150 -4.91 -8.13 -3.41
C LEU A 150 -3.85 -9.23 -3.17
N TYR A 151 -3.27 -9.25 -1.99
CA TYR A 151 -2.16 -10.13 -1.71
C TYR A 151 -2.47 -11.65 -1.77
N PRO A 152 -3.69 -12.10 -1.44
CA PRO A 152 -3.87 -13.60 -1.54
C PRO A 152 -3.49 -14.17 -2.91
N SER A 153 -3.79 -13.41 -3.97
CA SER A 153 -3.43 -13.86 -5.30
C SER A 153 -1.91 -13.83 -5.52
N ARG A 154 -1.13 -13.38 -4.55
CA ARG A 154 0.34 -13.48 -4.70
C ARG A 154 0.97 -14.56 -3.79
N ILE A 155 0.13 -15.21 -2.99
CA ILE A 155 0.70 -16.23 -2.08
C ILE A 155 1.20 -17.43 -2.91
N GLU A 156 2.42 -17.89 -2.58
CA GLU A 156 2.92 -19.17 -3.11
C GLU A 156 2.89 -20.27 -2.07
N ASN A 157 3.21 -19.99 -0.82
CA ASN A 157 3.14 -20.99 0.21
C ASN A 157 1.93 -20.76 1.10
N PHE A 158 0.87 -21.54 0.86
CA PHE A 158 -0.36 -21.39 1.64
C PHE A 158 -0.27 -21.88 3.06
N ASP A 159 0.81 -22.58 3.42
CA ASP A 159 1.03 -22.84 4.84
C ASP A 159 1.20 -21.56 5.67
N THR A 160 1.63 -20.46 5.04
CA THR A 160 1.81 -19.18 5.72
C THR A 160 0.59 -18.29 5.84
N PHE A 161 -0.54 -18.70 5.31
CA PHE A 161 -1.70 -17.80 5.23
C PHE A 161 -2.65 -18.14 6.36
N GLY A 162 -3.05 -17.18 7.15
CA GLY A 162 -3.97 -17.49 8.27
C GLY A 162 -4.16 -16.24 9.13
N PHE A 163 -4.80 -16.45 10.28
CA PHE A 163 -5.17 -15.32 11.14
C PHE A 163 -3.99 -14.90 11.93
N ASP A 164 -3.88 -13.59 12.12
CA ASP A 164 -2.66 -12.99 12.67
C ASP A 164 -2.42 -13.41 14.09
N ASP A 165 -3.51 -13.62 14.84
CA ASP A 165 -3.41 -14.06 16.20
C ASP A 165 -3.17 -15.55 16.38
N VAL A 166 -3.20 -16.36 15.31
CA VAL A 166 -2.91 -17.78 15.42
C VAL A 166 -1.63 -18.25 14.67
N LEU A 167 -1.16 -17.51 13.64
CA LEU A 167 0.02 -18.01 12.91
C LEU A 167 1.26 -18.16 13.79
N SER A 168 1.93 -19.31 13.67
CA SER A 168 3.27 -19.56 14.31
C SER A 168 4.36 -20.01 13.27
N TYR A 169 4.20 -19.59 12.01
CA TYR A 169 5.16 -19.87 10.93
C TYR A 169 6.46 -19.06 11.11
N ASP A 170 7.61 -19.73 10.95
CA ASP A 170 8.94 -19.06 10.91
C ASP A 170 9.51 -18.64 9.57
N MET B 1 -1.61 -1.35 3.64
CA MET B 1 -0.88 -2.54 4.25
C MET B 1 -0.86 -2.50 5.81
N ALA B 2 -0.91 -3.65 6.49
CA ALA B 2 -0.84 -3.64 7.97
C ALA B 2 0.67 -3.50 8.52
N SER B 3 0.97 -3.06 9.77
CA SER B 3 2.19 -3.73 10.52
C SER B 3 2.12 -3.93 12.08
CD CD C . 16.70 8.18 -8.28
CD CD D . -10.64 13.97 12.00
CD CD E . -3.90 -3.68 1.48
C ACT F . -6.78 -10.45 -7.25
O ACT F . -5.98 -10.21 -6.33
OXT ACT F . -6.40 -11.00 -8.32
CH3 ACT F . -8.21 -10.10 -6.98
C ACT G . 9.57 -15.07 6.74
O ACT G . 9.61 -15.81 7.75
OXT ACT G . 9.63 -15.56 5.61
CH3 ACT G . 9.44 -13.58 6.84
C ACT H . -12.66 12.71 -2.38
O ACT H . -12.40 13.27 -1.29
OXT ACT H . -13.40 11.67 -2.35
CH3 ACT H . -12.06 13.27 -3.67
CD CD I . -5.25 20.37 5.67
CD CD J . -3.06 -9.03 10.13
NA NA K . -10.02 -6.59 -11.75
#